data_7JWR
#
_entry.id   7JWR
#
_cell.length_a   58.099
_cell.length_b   67.380
_cell.length_c   87.999
_cell.angle_alpha   90.000
_cell.angle_beta   90.000
_cell.angle_gamma   90.000
#
_symmetry.space_group_name_H-M   'P 21 21 21'
#
loop_
_entity.id
_entity.type
_entity.pdbx_description
1 polymer 'Retinol-binding protein 2'
2 non-polymer '1,3-dihydroxypropan-2-yl (9Z)-octadec-9-enoate'
3 water water
#
_entity_poly.entity_id   1
_entity_poly.type   'polypeptide(L)'
_entity_poly.pdbx_seq_one_letter_code
;MTRDQNGTWEMESNENFEGYMKALDIDFATRKIAVRLTQTKVIDQDGDNFKTKTTSTFRNYDVDFTVGVEFDEYTKSLDN
RHVKALVTWEGDVLVCVQKGEKENRGWKQWIEGDKLYLELTCGDQVCRQVFKKKLVPR
;
_entity_poly.pdbx_strand_id   A,B
#
loop_
_chem_comp.id
_chem_comp.type
_chem_comp.name
_chem_comp.formula
YOG non-polymer '1,3-dihydroxypropan-2-yl (9Z)-octadec-9-enoate' 'C21 H40 O4'
#
# COMPACT_ATOMS: atom_id res chain seq x y z
N MET A 1 -23.64 -20.68 -18.86
CA MET A 1 -22.38 -20.31 -19.56
C MET A 1 -22.18 -18.79 -19.62
N THR A 2 -21.76 -18.24 -18.48
CA THR A 2 -21.55 -16.80 -18.34
C THR A 2 -20.11 -16.48 -17.97
N ARG A 3 -19.18 -17.36 -18.33
CA ARG A 3 -17.78 -17.14 -18.03
C ARG A 3 -17.12 -16.12 -18.94
N ASP A 4 -17.78 -15.69 -20.02
CA ASP A 4 -17.17 -14.75 -20.95
C ASP A 4 -17.37 -13.34 -20.43
N GLN A 5 -16.28 -12.75 -19.91
CA GLN A 5 -16.28 -11.43 -19.33
C GLN A 5 -15.67 -10.38 -20.25
N ASN A 6 -15.42 -10.72 -21.51
CA ASN A 6 -14.85 -9.78 -22.45
C ASN A 6 -15.66 -8.50 -22.50
N GLY A 7 -14.94 -7.39 -22.58
CA GLY A 7 -15.57 -6.11 -22.81
C GLY A 7 -14.90 -4.98 -22.08
N THR A 8 -15.47 -3.80 -22.26
CA THR A 8 -15.12 -2.61 -21.51
C THR A 8 -16.30 -2.28 -20.60
N TRP A 9 -16.03 -2.06 -19.32
CA TRP A 9 -17.05 -1.94 -18.30
C TRP A 9 -16.80 -0.67 -17.51
N GLU A 10 -17.85 0.12 -17.30
N GLU A 10 -17.82 0.18 -17.38
CA GLU A 10 -17.72 1.45 -16.69
CA GLU A 10 -17.67 1.45 -16.68
C GLU A 10 -18.40 1.48 -15.33
C GLU A 10 -18.35 1.36 -15.32
N MET A 11 -17.66 1.86 -14.30
CA MET A 11 -18.16 1.79 -12.93
C MET A 11 -19.42 2.62 -12.76
N GLU A 12 -20.42 2.03 -12.13
CA GLU A 12 -21.62 2.75 -11.73
C GLU A 12 -21.80 2.83 -10.21
N SER A 13 -21.16 1.96 -9.44
CA SER A 13 -21.23 2.09 -7.99
C SER A 13 -19.96 1.49 -7.40
N ASN A 14 -19.66 1.91 -6.17
CA ASN A 14 -18.41 1.59 -5.50
C ASN A 14 -18.76 1.74 -4.01
N GLU A 15 -19.06 0.63 -3.37
CA GLU A 15 -19.47 0.60 -1.98
C GLU A 15 -18.29 0.19 -1.11
N ASN A 16 -17.95 1.04 -0.14
CA ASN A 16 -16.90 0.76 0.85
C ASN A 16 -15.52 0.60 0.24
N PHE A 17 -15.24 1.32 -0.84
CA PHE A 17 -13.88 1.43 -1.33
C PHE A 17 -12.98 2.06 -0.27
N GLU A 18 -13.51 3.00 0.50
CA GLU A 18 -12.76 3.61 1.59
C GLU A 18 -12.26 2.55 2.57
N GLY A 19 -13.15 1.67 3.03
CA GLY A 19 -12.76 0.70 4.03
C GLY A 19 -11.78 -0.32 3.49
N TYR A 20 -11.97 -0.74 2.25
CA TYR A 20 -11.02 -1.65 1.62
C TYR A 20 -9.64 -1.02 1.53
N MET A 21 -9.56 0.25 1.11
CA MET A 21 -8.27 0.91 0.99
C MET A 21 -7.64 1.09 2.37
N LYS A 22 -8.43 1.45 3.36
CA LYS A 22 -7.86 1.61 4.69
C LYS A 22 -7.32 0.28 5.20
N ALA A 23 -8.00 -0.82 4.89
CA ALA A 23 -7.52 -2.13 5.30
C ALA A 23 -6.19 -2.49 4.63
N LEU A 24 -5.92 -1.94 3.45
CA LEU A 24 -4.64 -2.09 2.75
C LEU A 24 -3.59 -1.08 3.19
N ASP A 25 -3.89 -0.23 4.17
CA ASP A 25 -2.96 0.75 4.71
C ASP A 25 -2.65 1.88 3.73
N ILE A 26 -3.57 2.16 2.80
CA ILE A 26 -3.38 3.30 1.91
C ILE A 26 -3.49 4.58 2.72
N ASP A 27 -2.56 5.50 2.52
CA ASP A 27 -2.58 6.75 3.29
C ASP A 27 -3.80 7.60 2.91
N PHE A 28 -4.23 8.50 3.82
N PHE A 28 -4.19 8.47 3.86
CA PHE A 28 -5.50 9.21 3.61
CA PHE A 28 -5.35 9.35 3.75
C PHE A 28 -5.44 10.22 2.45
C PHE A 28 -5.37 10.12 2.44
N ALA A 29 -4.25 10.76 2.12
CA ALA A 29 -4.19 11.67 0.97
C ALA A 29 -4.47 10.90 -0.30
N THR A 30 -3.90 9.70 -0.42
CA THR A 30 -4.18 8.86 -1.58
C THR A 30 -5.64 8.41 -1.59
N ARG A 31 -6.18 8.00 -0.44
CA ARG A 31 -7.59 7.59 -0.40
C ARG A 31 -8.50 8.73 -0.82
N LYS A 32 -8.16 9.97 -0.44
CA LYS A 32 -9.04 11.10 -0.70
C LYS A 32 -9.25 11.32 -2.19
N ILE A 33 -8.20 11.11 -2.98
CA ILE A 33 -8.32 11.17 -4.44
C ILE A 33 -9.03 9.94 -4.96
N ALA A 34 -8.59 8.76 -4.50
CA ALA A 34 -9.01 7.52 -5.13
C ALA A 34 -10.50 7.24 -4.94
N VAL A 35 -11.06 7.65 -3.81
CA VAL A 35 -12.44 7.31 -3.53
C VAL A 35 -13.40 8.01 -4.48
N ARG A 36 -12.96 9.09 -5.11
CA ARG A 36 -13.83 9.92 -5.94
C ARG A 36 -13.90 9.48 -7.39
N LEU A 37 -13.08 8.52 -7.81
CA LEU A 37 -12.85 8.26 -9.22
C LEU A 37 -13.78 7.19 -9.78
N THR A 38 -14.18 7.40 -11.03
CA THR A 38 -14.87 6.38 -11.80
CA THR A 38 -14.87 6.38 -11.80
C THR A 38 -13.83 5.49 -12.46
N GLN A 39 -13.92 4.20 -12.19
CA GLN A 39 -12.99 3.24 -12.77
C GLN A 39 -13.59 2.61 -14.02
N THR A 40 -12.72 2.24 -14.93
CA THR A 40 -13.09 1.45 -16.10
C THR A 40 -12.32 0.14 -16.07
N LYS A 41 -12.97 -0.95 -16.47
CA LYS A 41 -12.35 -2.26 -16.53
C LYS A 41 -12.39 -2.74 -17.97
N VAL A 42 -11.23 -3.06 -18.52
CA VAL A 42 -11.11 -3.64 -19.85
C VAL A 42 -10.63 -5.07 -19.70
N ILE A 43 -11.42 -6.02 -20.17
CA ILE A 43 -11.12 -7.44 -20.04
C ILE A 43 -10.98 -8.01 -21.45
N ASP A 44 -9.81 -8.57 -21.74
CA ASP A 44 -9.51 -9.29 -22.97
C ASP A 44 -9.29 -10.74 -22.57
N GLN A 45 -10.26 -11.60 -22.87
CA GLN A 45 -10.29 -12.96 -22.38
C GLN A 45 -10.35 -13.94 -23.55
N ASP A 46 -9.44 -14.91 -23.53
CA ASP A 46 -9.43 -16.01 -24.48
C ASP A 46 -9.50 -17.29 -23.66
N GLY A 47 -10.71 -17.83 -23.51
CA GLY A 47 -10.89 -19.01 -22.68
C GLY A 47 -10.54 -18.71 -21.22
N ASP A 48 -9.53 -19.40 -20.69
CA ASP A 48 -9.08 -19.16 -19.33
C ASP A 48 -7.91 -18.18 -19.24
N ASN A 49 -7.50 -17.58 -20.37
CA ASN A 49 -6.42 -16.60 -20.38
C ASN A 49 -7.03 -15.19 -20.33
N PHE A 50 -6.67 -14.43 -19.31
CA PHE A 50 -7.19 -13.09 -19.09
C PHE A 50 -6.09 -12.06 -19.15
N LYS A 51 -6.39 -10.94 -19.81
CA LYS A 51 -5.58 -9.74 -19.74
C LYS A 51 -6.53 -8.63 -19.31
N THR A 52 -6.27 -8.03 -18.15
CA THR A 52 -7.20 -7.06 -17.58
C THR A 52 -6.49 -5.75 -17.30
N LYS A 53 -7.24 -4.65 -17.50
CA LYS A 53 -6.79 -3.31 -17.22
C LYS A 53 -7.88 -2.62 -16.41
N THR A 54 -7.50 -2.00 -15.31
CA THR A 54 -8.41 -1.18 -14.52
C THR A 54 -7.83 0.23 -14.59
N THR A 55 -8.61 1.17 -15.11
CA THR A 55 -8.09 2.50 -15.42
C THR A 55 -8.89 3.58 -14.72
N SER A 56 -8.20 4.69 -14.46
CA SER A 56 -8.78 5.90 -13.89
C SER A 56 -7.84 7.03 -14.26
N THR A 57 -8.28 8.25 -13.96
CA THR A 57 -7.44 9.41 -14.27
CA THR A 57 -7.45 9.42 -14.27
C THR A 57 -6.24 9.54 -13.35
N PHE A 58 -6.25 8.84 -12.21
CA PHE A 58 -5.21 8.91 -11.18
C PHE A 58 -4.20 7.79 -11.30
N ARG A 59 -4.68 6.54 -11.41
N ARG A 59 -4.66 6.55 -11.45
CA ARG A 59 -3.85 5.37 -11.52
CA ARG A 59 -3.79 5.39 -11.49
C ARG A 59 -4.42 4.45 -12.59
C ARG A 59 -4.42 4.32 -12.37
N ASN A 60 -3.58 3.51 -13.02
CA ASN A 60 -4.03 2.38 -13.81
C ASN A 60 -3.38 1.13 -13.23
N TYR A 61 -4.03 -0.01 -13.42
CA TYR A 61 -3.51 -1.27 -12.92
C TYR A 61 -3.81 -2.39 -13.90
N ASP A 62 -2.77 -3.08 -14.35
CA ASP A 62 -2.91 -4.21 -15.25
C ASP A 62 -2.59 -5.50 -14.51
N VAL A 63 -3.38 -6.54 -14.76
CA VAL A 63 -3.05 -7.86 -14.25
C VAL A 63 -3.52 -8.89 -15.27
N ASP A 64 -2.63 -9.80 -15.62
CA ASP A 64 -2.89 -10.88 -16.55
C ASP A 64 -2.70 -12.21 -15.84
N PHE A 65 -3.51 -13.20 -16.20
CA PHE A 65 -3.44 -14.47 -15.53
C PHE A 65 -4.13 -15.53 -16.37
N THR A 66 -3.81 -16.78 -16.07
CA THR A 66 -4.56 -17.92 -16.56
C THR A 66 -5.28 -18.55 -15.38
N VAL A 67 -6.57 -18.81 -15.54
CA VAL A 67 -7.33 -19.45 -14.47
C VAL A 67 -6.66 -20.78 -14.14
N GLY A 68 -6.44 -21.00 -12.85
CA GLY A 68 -5.86 -22.24 -12.39
C GLY A 68 -4.36 -22.25 -12.23
N VAL A 69 -3.67 -21.16 -12.60
CA VAL A 69 -2.21 -21.10 -12.60
C VAL A 69 -1.78 -20.02 -11.62
N GLU A 70 -1.17 -20.43 -10.51
CA GLU A 70 -0.71 -19.47 -9.53
C GLU A 70 0.34 -18.55 -10.14
N PHE A 71 0.31 -17.28 -9.73
CA PHE A 71 1.27 -16.32 -10.27
C PHE A 71 1.71 -15.35 -9.18
N ASP A 72 2.85 -14.71 -9.42
CA ASP A 72 3.32 -13.63 -8.57
C ASP A 72 2.65 -12.35 -9.02
N GLU A 73 1.99 -11.67 -8.08
CA GLU A 73 1.34 -10.39 -8.34
C GLU A 73 1.98 -9.33 -7.47
N TYR A 74 2.44 -8.27 -8.11
CA TYR A 74 2.92 -7.06 -7.45
C TYR A 74 1.91 -5.96 -7.73
N THR A 75 1.26 -5.46 -6.67
CA THR A 75 0.17 -4.51 -6.83
C THR A 75 0.70 -3.08 -7.01
N LYS A 76 1.49 -2.89 -8.06
N LYS A 76 1.48 -2.93 -8.07
CA LYS A 76 2.18 -1.63 -8.30
CA LYS A 76 2.15 -1.70 -8.43
C LYS A 76 1.20 -0.48 -8.46
C LYS A 76 1.17 -0.55 -8.53
N SER A 77 1.48 0.61 -7.76
N SER A 77 1.46 0.52 -7.81
CA SER A 77 0.69 1.83 -7.72
CA SER A 77 0.72 1.77 -7.76
C SER A 77 -0.68 1.63 -7.09
C SER A 77 -0.56 1.67 -6.94
N LEU A 78 -0.90 0.50 -6.40
CA LEU A 78 -2.05 0.33 -5.53
C LEU A 78 -1.47 0.38 -4.12
N ASP A 79 -1.39 -0.75 -3.43
CA ASP A 79 -0.69 -0.81 -2.14
C ASP A 79 0.76 -1.29 -2.27
N ASN A 80 1.21 -1.64 -3.47
CA ASN A 80 2.61 -1.97 -3.70
C ASN A 80 3.09 -3.13 -2.86
N ARG A 81 2.30 -4.20 -2.84
CA ARG A 81 2.65 -5.43 -2.14
C ARG A 81 2.85 -6.58 -3.11
N HIS A 82 3.61 -7.58 -2.65
CA HIS A 82 3.83 -8.81 -3.38
C HIS A 82 2.95 -9.88 -2.74
N VAL A 83 2.19 -10.57 -3.58
CA VAL A 83 1.33 -11.67 -3.15
C VAL A 83 1.51 -12.81 -4.13
N LYS A 84 1.11 -13.99 -3.69
CA LYS A 84 0.90 -15.13 -4.59
C LYS A 84 -0.59 -15.15 -4.87
N ALA A 85 -0.94 -15.11 -6.14
CA ALA A 85 -2.32 -15.01 -6.56
C ALA A 85 -2.73 -16.26 -7.32
N LEU A 86 -3.94 -16.73 -7.05
CA LEU A 86 -4.52 -17.83 -7.81
C LEU A 86 -5.95 -17.46 -8.14
N VAL A 87 -6.31 -17.55 -9.41
CA VAL A 87 -7.68 -17.33 -9.86
C VAL A 87 -8.25 -18.69 -10.24
N THR A 88 -9.45 -18.97 -9.76
CA THR A 88 -10.17 -20.21 -10.06
C THR A 88 -11.60 -19.86 -10.43
N TRP A 89 -12.28 -20.82 -11.05
CA TRP A 89 -13.71 -20.68 -11.28
C TRP A 89 -14.46 -21.38 -10.15
N GLU A 90 -15.45 -20.69 -9.61
CA GLU A 90 -16.45 -21.31 -8.75
C GLU A 90 -17.77 -21.11 -9.49
N GLY A 91 -18.19 -22.14 -10.18
CA GLY A 91 -19.25 -21.96 -11.14
C GLY A 91 -18.78 -21.01 -12.21
N ASP A 92 -19.52 -19.92 -12.42
CA ASP A 92 -19.12 -18.90 -13.37
C ASP A 92 -18.62 -17.64 -12.67
N VAL A 93 -18.26 -17.75 -11.39
CA VAL A 93 -17.64 -16.66 -10.65
C VAL A 93 -16.13 -16.84 -10.68
N LEU A 94 -15.43 -15.79 -11.05
CA LEU A 94 -13.97 -15.79 -11.04
C LEU A 94 -13.53 -15.41 -9.63
N VAL A 95 -12.77 -16.28 -8.98
CA VAL A 95 -12.38 -16.11 -7.59
C VAL A 95 -10.86 -16.02 -7.51
N CYS A 96 -10.37 -14.96 -6.90
CA CYS A 96 -8.93 -14.78 -6.72
C CYS A 96 -8.60 -14.76 -5.23
N VAL A 97 -7.61 -15.56 -4.85
CA VAL A 97 -7.00 -15.50 -3.52
C VAL A 97 -5.62 -14.88 -3.69
N GLN A 98 -5.35 -13.85 -2.89
CA GLN A 98 -4.07 -13.14 -2.91
C GLN A 98 -3.39 -13.42 -1.57
N LYS A 99 -2.52 -14.43 -1.54
CA LYS A 99 -1.89 -14.85 -0.30
C LYS A 99 -0.65 -14.00 -0.04
N GLY A 100 -0.58 -13.44 1.16
CA GLY A 100 0.53 -12.58 1.50
C GLY A 100 0.35 -12.05 2.91
N GLU A 101 0.77 -10.81 3.14
CA GLU A 101 0.81 -10.31 4.50
C GLU A 101 -0.57 -9.92 5.01
N LYS A 102 -1.52 -9.62 4.14
CA LYS A 102 -2.87 -9.30 4.58
C LYS A 102 -3.72 -10.56 4.59
N GLU A 103 -4.40 -10.81 5.70
CA GLU A 103 -5.31 -11.93 5.79
C GLU A 103 -6.59 -11.67 5.01
N ASN A 104 -7.14 -12.76 4.48
N ASN A 104 -7.17 -12.74 4.47
CA ASN A 104 -8.43 -12.72 3.83
CA ASN A 104 -8.51 -12.69 3.85
C ASN A 104 -8.46 -11.67 2.73
C ASN A 104 -8.56 -11.83 2.57
N ARG A 105 -7.47 -11.73 1.85
CA ARG A 105 -7.34 -10.82 0.72
C ARG A 105 -7.65 -11.54 -0.58
N GLY A 106 -8.53 -10.95 -1.38
CA GLY A 106 -8.83 -11.51 -2.67
C GLY A 106 -9.97 -10.74 -3.33
N TRP A 107 -10.54 -11.36 -4.36
CA TRP A 107 -11.64 -10.74 -5.05
C TRP A 107 -12.46 -11.80 -5.75
N LYS A 108 -13.69 -11.41 -6.12
CA LYS A 108 -14.59 -12.26 -6.89
C LYS A 108 -15.26 -11.41 -7.94
N GLN A 109 -15.37 -11.92 -9.15
CA GLN A 109 -15.85 -11.13 -10.28
C GLN A 109 -16.76 -11.98 -11.15
N TRP A 110 -17.93 -11.44 -11.47
CA TRP A 110 -18.89 -12.22 -12.25
C TRP A 110 -19.83 -11.30 -13.01
N ILE A 111 -20.52 -11.88 -13.99
CA ILE A 111 -21.43 -11.17 -14.88
C ILE A 111 -22.88 -11.48 -14.52
N GLU A 112 -23.74 -10.45 -14.53
CA GLU A 112 -25.20 -10.63 -14.55
C GLU A 112 -25.85 -9.58 -15.45
N GLY A 113 -26.60 -10.03 -16.45
CA GLY A 113 -27.17 -9.05 -17.35
C GLY A 113 -26.06 -8.35 -18.09
N ASP A 114 -26.14 -7.03 -18.12
CA ASP A 114 -25.11 -6.22 -18.73
C ASP A 114 -24.22 -5.60 -17.68
N LYS A 115 -24.17 -6.22 -16.50
N LYS A 115 -24.07 -6.26 -16.53
CA LYS A 115 -23.37 -5.73 -15.38
CA LYS A 115 -23.33 -5.69 -15.41
C LYS A 115 -22.25 -6.72 -15.06
C LYS A 115 -22.29 -6.66 -14.87
N LEU A 116 -21.12 -6.15 -14.66
N LEU A 116 -21.09 -6.14 -14.68
CA LEU A 116 -20.03 -6.90 -14.08
CA LEU A 116 -19.99 -6.87 -14.08
C LEU A 116 -19.96 -6.50 -12.61
C LEU A 116 -19.90 -6.50 -12.61
N TYR A 117 -19.93 -7.51 -11.75
CA TYR A 117 -19.82 -7.32 -10.30
C TYR A 117 -18.43 -7.71 -9.87
N LEU A 118 -17.84 -6.89 -9.00
CA LEU A 118 -16.53 -7.17 -8.43
C LEU A 118 -16.59 -6.90 -6.93
N GLU A 119 -16.30 -7.94 -6.16
N GLU A 119 -16.30 -7.93 -6.14
CA GLU A 119 -16.21 -7.86 -4.70
CA GLU A 119 -16.24 -7.79 -4.69
C GLU A 119 -14.75 -7.97 -4.34
C GLU A 119 -14.80 -7.98 -4.26
N LEU A 120 -14.22 -6.95 -3.69
CA LEU A 120 -12.83 -6.92 -3.24
C LEU A 120 -12.81 -7.07 -1.73
N THR A 121 -12.01 -8.00 -1.22
N THR A 121 -11.99 -7.98 -1.22
CA THR A 121 -11.93 -8.25 0.21
CA THR A 121 -11.96 -8.23 0.22
C THR A 121 -10.51 -8.03 0.73
C THR A 121 -10.54 -8.10 0.75
N CYS A 122 -10.43 -7.47 1.92
CA CYS A 122 -9.18 -7.43 2.67
C CYS A 122 -9.55 -7.42 4.15
N GLY A 123 -9.12 -8.43 4.88
CA GLY A 123 -9.45 -8.48 6.30
C GLY A 123 -10.95 -8.54 6.48
N ASP A 124 -11.47 -7.63 7.31
CA ASP A 124 -12.91 -7.59 7.57
C ASP A 124 -13.63 -6.57 6.70
N GLN A 125 -13.02 -6.12 5.61
CA GLN A 125 -13.60 -5.10 4.74
C GLN A 125 -13.90 -5.69 3.38
N VAL A 126 -15.11 -5.44 2.91
CA VAL A 126 -15.54 -5.83 1.57
C VAL A 126 -15.96 -4.59 0.82
N CYS A 127 -15.44 -4.43 -0.40
CA CYS A 127 -15.85 -3.37 -1.30
C CYS A 127 -16.63 -4.02 -2.45
N ARG A 128 -17.79 -3.47 -2.76
CA ARG A 128 -18.65 -4.04 -3.79
C ARG A 128 -18.74 -3.01 -4.92
N GLN A 129 -18.29 -3.40 -6.09
CA GLN A 129 -18.31 -2.53 -7.26
C GLN A 129 -19.22 -3.12 -8.31
N VAL A 130 -19.90 -2.24 -9.04
CA VAL A 130 -20.72 -2.65 -10.18
C VAL A 130 -20.33 -1.83 -11.38
N PHE A 131 -20.17 -2.49 -12.52
CA PHE A 131 -19.81 -1.84 -13.77
C PHE A 131 -20.84 -2.18 -14.84
N LYS A 132 -21.12 -1.22 -15.70
CA LYS A 132 -22.04 -1.42 -16.80
C LYS A 132 -21.26 -1.56 -18.10
N LYS A 133 -21.67 -2.51 -18.92
CA LYS A 133 -20.97 -2.75 -20.16
C LYS A 133 -21.10 -1.54 -21.07
N LYS A 134 -19.98 -1.13 -21.64
CA LYS A 134 -19.97 -0.05 -22.62
C LYS A 134 -20.28 -0.63 -24.00
N LEU A 135 -21.03 0.15 -24.79
CA LEU A 135 -21.42 -0.30 -26.11
C LEU A 135 -20.30 -0.09 -27.12
N VAL A 136 -20.22 -1.02 -28.07
CA VAL A 136 -19.36 -0.94 -29.26
C VAL A 136 -18.25 0.13 -29.18
N MET B 1 -6.90 11.97 12.60
CA MET B 1 -5.81 12.53 11.75
C MET B 1 -5.36 13.89 12.30
N THR B 2 -4.11 13.95 12.75
CA THR B 2 -3.50 15.18 13.24
C THR B 2 -2.09 15.26 12.70
N ARG B 3 -1.58 16.49 12.59
CA ARG B 3 -0.19 16.69 12.25
C ARG B 3 0.73 16.61 13.46
N ASP B 4 0.20 16.53 14.66
CA ASP B 4 1.02 16.53 15.87
C ASP B 4 1.53 15.12 16.09
N GLN B 5 2.82 14.91 15.81
CA GLN B 5 3.45 13.62 15.98
C GLN B 5 4.32 13.54 17.21
N ASN B 6 4.25 14.56 18.07
CA ASN B 6 5.06 14.56 19.28
C ASN B 6 4.80 13.34 20.12
N GLY B 7 5.86 12.77 20.66
CA GLY B 7 5.73 11.72 21.63
C GLY B 7 6.78 10.64 21.52
N THR B 8 6.61 9.65 22.38
CA THR B 8 7.40 8.43 22.33
C THR B 8 6.47 7.34 21.86
N TRP B 9 6.90 6.60 20.83
CA TRP B 9 6.05 5.66 20.12
C TRP B 9 6.76 4.32 20.07
N GLU B 10 6.07 3.26 20.46
CA GLU B 10 6.66 1.94 20.58
C GLU B 10 6.06 0.99 19.54
N MET B 11 6.93 0.30 18.81
CA MET B 11 6.46 -0.51 17.71
C MET B 11 5.56 -1.64 18.17
N GLU B 12 4.47 -1.85 17.43
N GLU B 12 4.44 -1.79 17.45
CA GLU B 12 3.61 -2.99 17.69
CA GLU B 12 3.51 -2.88 17.62
C GLU B 12 3.45 -3.90 16.49
C GLU B 12 3.65 -3.93 16.53
N SER B 13 3.88 -3.49 15.30
CA SER B 13 3.94 -4.40 14.16
C SER B 13 4.90 -3.86 13.12
N ASN B 14 5.38 -4.77 12.28
CA ASN B 14 6.47 -4.48 11.36
C ASN B 14 6.32 -5.49 10.21
N GLU B 15 5.73 -5.06 9.11
CA GLU B 15 5.42 -5.91 7.97
C GLU B 15 6.45 -5.65 6.88
N ASN B 16 7.11 -6.72 6.41
CA ASN B 16 8.04 -6.67 5.28
C ASN B 16 9.24 -5.76 5.53
N PHE B 17 9.68 -5.65 6.80
CA PHE B 17 10.93 -4.98 7.06
C PHE B 17 12.08 -5.71 6.38
N GLU B 18 11.99 -7.03 6.27
CA GLU B 18 13.07 -7.76 5.62
C GLU B 18 13.15 -7.41 4.13
N GLY B 19 12.00 -7.23 3.47
CA GLY B 19 12.03 -6.86 2.07
C GLY B 19 12.59 -5.47 1.85
N TYR B 20 12.19 -4.53 2.69
CA TYR B 20 12.75 -3.19 2.62
C TYR B 20 14.27 -3.22 2.84
N MET B 21 14.71 -3.94 3.87
CA MET B 21 16.15 -4.02 4.12
C MET B 21 16.89 -4.67 2.96
N LYS B 22 16.32 -5.73 2.39
CA LYS B 22 16.97 -6.40 1.27
C LYS B 22 17.09 -5.46 0.07
N ALA B 23 16.07 -4.63 -0.14
CA ALA B 23 16.11 -3.66 -1.23
C ALA B 23 17.21 -2.64 -1.03
N LEU B 24 17.57 -2.34 0.23
CA LEU B 24 18.68 -1.46 0.56
C LEU B 24 20.03 -2.18 0.60
N ASP B 25 20.06 -3.47 0.29
CA ASP B 25 21.27 -4.28 0.26
C ASP B 25 21.85 -4.56 1.63
N ILE B 26 21.02 -4.53 2.67
CA ILE B 26 21.46 -4.93 3.99
C ILE B 26 21.76 -6.42 3.94
N ASP B 27 22.90 -6.82 4.51
CA ASP B 27 23.29 -8.21 4.43
C ASP B 27 22.42 -9.12 5.28
N PHE B 28 22.47 -10.41 4.96
CA PHE B 28 21.61 -11.40 5.58
C PHE B 28 21.80 -11.43 7.10
N ALA B 29 23.04 -11.42 7.56
CA ALA B 29 23.28 -11.53 9.01
C ALA B 29 22.61 -10.39 9.75
N THR B 30 22.68 -9.19 9.17
CA THR B 30 22.06 -8.02 9.80
C THR B 30 20.54 -8.11 9.74
N ARG B 31 19.98 -8.51 8.59
CA ARG B 31 18.53 -8.64 8.48
C ARG B 31 17.99 -9.65 9.48
N LYS B 32 18.72 -10.75 9.69
CA LYS B 32 18.26 -11.81 10.57
C LYS B 32 18.06 -11.30 12.00
N ILE B 33 18.95 -10.42 12.46
CA ILE B 33 18.79 -9.80 13.77
C ILE B 33 17.71 -8.72 13.73
N ALA B 34 17.79 -7.87 12.72
CA ALA B 34 16.99 -6.64 12.71
C ALA B 34 15.50 -6.91 12.57
N VAL B 35 15.11 -7.98 11.89
CA VAL B 35 13.69 -8.23 11.67
C VAL B 35 12.94 -8.49 12.97
N ARG B 36 13.64 -8.92 14.03
CA ARG B 36 12.98 -9.26 15.29
C ARG B 36 12.98 -8.11 16.29
N LEU B 37 13.56 -6.97 15.96
CA LEU B 37 13.71 -5.91 16.95
C LEU B 37 12.44 -5.09 17.09
N THR B 38 12.13 -4.71 18.33
CA THR B 38 11.09 -3.72 18.58
C THR B 38 11.69 -2.34 18.63
N GLN B 39 11.28 -1.47 17.71
CA GLN B 39 11.83 -0.14 17.60
C GLN B 39 11.00 0.85 18.40
N THR B 40 11.65 1.93 18.83
CA THR B 40 10.99 3.06 19.47
C THR B 40 11.29 4.29 18.65
N LYS B 41 10.29 5.16 18.53
CA LYS B 41 10.45 6.42 17.83
C LYS B 41 10.16 7.53 18.81
N VAL B 42 11.10 8.44 18.99
CA VAL B 42 10.90 9.63 19.81
C VAL B 42 10.89 10.84 18.88
N ILE B 43 9.79 11.58 18.88
CA ILE B 43 9.60 12.71 17.99
C ILE B 43 9.41 13.96 18.85
N ASP B 44 10.27 14.93 18.64
CA ASP B 44 10.18 16.24 19.26
C ASP B 44 9.86 17.20 18.12
N GLN B 45 8.62 17.68 18.07
CA GLN B 45 8.14 18.45 16.94
C GLN B 45 7.66 19.81 17.43
N ASP B 46 8.18 20.86 16.80
CA ASP B 46 7.76 22.24 17.03
C ASP B 46 7.31 22.78 15.69
N GLY B 47 6.01 22.70 15.44
CA GLY B 47 5.47 23.11 14.15
C GLY B 47 5.95 22.23 13.01
N ASP B 48 6.69 22.82 12.07
CA ASP B 48 7.28 22.07 10.97
C ASP B 48 8.72 21.66 11.24
N ASN B 49 9.24 21.92 12.44
CA ASN B 49 10.59 21.50 12.81
C ASN B 49 10.55 20.19 13.59
N PHE B 50 11.23 19.18 13.08
CA PHE B 50 11.22 17.84 13.66
C PHE B 50 12.61 17.42 14.10
N LYS B 51 12.69 16.79 15.27
CA LYS B 51 13.89 16.08 15.71
C LYS B 51 13.42 14.67 16.05
N THR B 52 13.94 13.67 15.35
CA THR B 52 13.45 12.31 15.51
C THR B 52 14.59 11.37 15.87
N LYS B 53 14.29 10.40 16.71
CA LYS B 53 15.23 9.36 17.09
C LYS B 53 14.51 8.03 16.97
N THR B 54 15.09 7.10 16.23
CA THR B 54 14.56 5.75 16.09
C THR B 54 15.58 4.83 16.75
N THR B 55 15.14 4.11 17.77
CA THR B 55 16.08 3.39 18.62
C THR B 55 15.70 1.91 18.75
N SER B 56 16.72 1.12 19.06
CA SER B 56 16.55 -0.31 19.27
C SER B 56 17.74 -0.80 20.07
N THR B 57 17.73 -2.09 20.40
CA THR B 57 18.85 -2.72 21.07
C THR B 57 20.08 -2.87 20.18
N PHE B 58 19.95 -2.70 18.87
CA PHE B 58 20.99 -3.06 17.91
C PHE B 58 21.58 -1.85 17.19
N ARG B 59 20.74 -0.91 16.76
CA ARG B 59 21.18 0.30 16.08
C ARG B 59 20.23 1.41 16.47
N ASN B 60 20.73 2.63 16.39
CA ASN B 60 19.92 3.81 16.60
C ASN B 60 20.16 4.77 15.45
N TYR B 61 19.14 5.57 15.15
CA TYR B 61 19.21 6.45 14.00
C TYR B 61 18.46 7.74 14.28
N ASP B 62 19.16 8.86 14.15
CA ASP B 62 18.58 10.17 14.38
C ASP B 62 18.48 10.90 13.05
N VAL B 63 17.37 11.59 12.84
CA VAL B 63 17.24 12.49 11.69
C VAL B 63 16.36 13.66 12.08
N ASP B 64 16.84 14.87 11.79
CA ASP B 64 16.15 16.12 12.08
C ASP B 64 15.91 16.85 10.77
N PHE B 65 14.79 17.56 10.68
CA PHE B 65 14.47 18.25 9.44
C PHE B 65 13.39 19.30 9.70
N THR B 66 13.29 20.23 8.75
CA THR B 66 12.17 21.17 8.68
C THR B 66 11.37 20.85 7.42
N VAL B 67 10.06 20.72 7.56
CA VAL B 67 9.21 20.44 6.41
C VAL B 67 9.45 21.50 5.36
N GLY B 68 9.67 21.08 4.12
CA GLY B 68 9.85 21.97 3.00
C GLY B 68 11.27 22.36 2.70
N VAL B 69 12.22 21.93 3.53
CA VAL B 69 13.61 22.35 3.41
C VAL B 69 14.43 21.10 3.09
N GLU B 70 14.96 21.01 1.89
CA GLU B 70 15.75 19.87 1.49
C GLU B 70 17.01 19.79 2.36
N PHE B 71 17.43 18.57 2.68
CA PHE B 71 18.58 18.37 3.55
C PHE B 71 19.37 17.15 3.13
N ASP B 72 20.65 17.15 3.52
CA ASP B 72 21.49 15.98 3.37
C ASP B 72 21.14 14.99 4.47
N GLU B 73 20.95 13.73 4.09
CA GLU B 73 20.77 12.64 5.03
C GLU B 73 21.82 11.59 4.72
N TYR B 74 22.61 11.23 5.71
CA TYR B 74 23.56 10.13 5.59
C TYR B 74 23.05 9.04 6.52
N THR B 75 22.68 7.88 5.96
CA THR B 75 22.00 6.85 6.73
C THR B 75 23.00 5.99 7.52
N LYS B 76 23.71 6.70 8.40
CA LYS B 76 24.78 6.12 9.21
C LYS B 76 24.28 4.93 10.02
N SER B 77 24.97 3.80 9.88
CA SER B 77 24.75 2.54 10.58
C SER B 77 23.54 1.79 10.02
N LEU B 78 22.87 2.35 9.01
CA LEU B 78 21.81 1.65 8.27
C LEU B 78 22.43 1.09 7.00
N ASP B 79 22.13 1.68 5.84
CA ASP B 79 22.82 1.32 4.61
C ASP B 79 23.99 2.25 4.29
N ASN B 80 24.22 3.28 5.10
CA ASN B 80 25.41 4.12 4.97
C ASN B 80 25.49 4.75 3.57
N ARG B 81 24.39 5.33 3.14
CA ARG B 81 24.33 6.06 1.88
C ARG B 81 23.96 7.52 2.14
N HIS B 82 24.41 8.39 1.24
CA HIS B 82 23.98 9.78 1.21
C HIS B 82 22.76 9.91 0.31
N VAL B 83 21.70 10.55 0.81
CA VAL B 83 20.57 10.94 0.00
C VAL B 83 20.29 12.42 0.23
N LYS B 84 19.61 13.02 -0.74
CA LYS B 84 19.04 14.35 -0.58
C LYS B 84 17.56 14.17 -0.27
N ALA B 85 17.15 14.58 0.91
CA ALA B 85 15.82 14.29 1.41
C ALA B 85 14.99 15.56 1.45
N LEU B 86 13.69 15.41 1.17
CA LEU B 86 12.74 16.51 1.30
C LEU B 86 11.47 15.97 1.92
N VAL B 87 11.04 16.60 3.00
CA VAL B 87 9.81 16.23 3.70
C VAL B 87 8.76 17.29 3.41
N THR B 88 7.55 16.84 3.07
CA THR B 88 6.42 17.72 2.78
C THR B 88 5.19 17.16 3.49
N TRP B 89 4.18 18.01 3.66
CA TRP B 89 2.87 17.56 4.12
C TRP B 89 1.97 17.31 2.92
N GLU B 90 1.26 16.18 2.95
CA GLU B 90 0.13 15.93 2.06
C GLU B 90 -1.07 15.74 2.97
N GLY B 91 -1.86 16.80 3.15
CA GLY B 91 -2.84 16.77 4.22
C GLY B 91 -2.14 16.64 5.55
N ASP B 92 -2.48 15.61 6.31
CA ASP B 92 -1.82 15.32 7.58
C ASP B 92 -0.85 14.14 7.47
N VAL B 93 -0.44 13.79 6.24
CA VAL B 93 0.55 12.75 5.99
C VAL B 93 1.89 13.42 5.78
N LEU B 94 2.89 13.01 6.55
CA LEU B 94 4.25 13.49 6.39
C LEU B 94 4.93 12.62 5.32
N VAL B 95 5.41 13.24 4.25
CA VAL B 95 5.93 12.53 3.08
C VAL B 95 7.39 12.90 2.86
N CYS B 96 8.26 11.89 2.78
CA CYS B 96 9.67 12.10 2.52
C CYS B 96 10.08 11.41 1.24
N VAL B 97 10.77 12.15 0.37
CA VAL B 97 11.44 11.58 -0.79
C VAL B 97 12.93 11.65 -0.55
N GLN B 98 13.61 10.52 -0.71
CA GLN B 98 15.06 10.41 -0.48
C GLN B 98 15.75 10.15 -1.81
N LYS B 99 16.25 11.22 -2.43
CA LYS B 99 16.82 11.11 -3.76
C LYS B 99 18.28 10.67 -3.66
N GLY B 100 18.61 9.61 -4.39
CA GLY B 100 19.95 9.05 -4.35
C GLY B 100 20.07 7.84 -5.26
N GLU B 101 20.92 6.90 -4.86
CA GLU B 101 21.21 5.75 -5.71
C GLU B 101 19.98 4.89 -5.95
N LYS B 102 19.20 4.63 -4.89
CA LYS B 102 18.05 3.75 -4.99
C LYS B 102 16.85 4.50 -5.54
N GLU B 103 16.23 3.94 -6.57
CA GLU B 103 15.02 4.50 -7.12
C GLU B 103 13.86 4.26 -6.16
N ASN B 104 12.92 5.20 -6.17
CA ASN B 104 11.67 5.08 -5.41
C ASN B 104 11.97 4.80 -3.94
N ARG B 105 12.78 5.66 -3.33
CA ARG B 105 13.11 5.56 -1.92
C ARG B 105 12.49 6.72 -1.16
N GLY B 106 11.74 6.39 -0.12
CA GLY B 106 11.13 7.41 0.69
C GLY B 106 10.31 6.80 1.81
N TRP B 107 9.53 7.65 2.45
CA TRP B 107 8.66 7.17 3.51
C TRP B 107 7.49 8.13 3.68
N LYS B 108 6.45 7.61 4.33
CA LYS B 108 5.28 8.40 4.69
C LYS B 108 4.91 8.03 6.12
N GLN B 109 4.55 9.04 6.91
CA GLN B 109 4.29 8.84 8.33
C GLN B 109 3.08 9.67 8.75
N TRP B 110 2.16 9.04 9.48
CA TRP B 110 0.95 9.75 9.89
C TRP B 110 0.40 9.20 11.19
N ILE B 111 -0.42 10.02 11.86
CA ILE B 111 -0.98 9.72 13.17
C ILE B 111 -2.47 9.46 13.01
N GLU B 112 -2.98 8.46 13.71
CA GLU B 112 -4.41 8.31 13.91
C GLU B 112 -4.63 7.81 15.32
N GLY B 113 -5.35 8.60 16.12
CA GLY B 113 -5.57 8.22 17.50
C GLY B 113 -4.24 8.20 18.21
N ASP B 114 -3.99 7.13 18.96
CA ASP B 114 -2.71 7.00 19.65
C ASP B 114 -1.76 6.07 18.92
N LYS B 115 -1.89 5.96 17.59
CA LYS B 115 -1.02 5.16 16.74
C LYS B 115 -0.33 6.01 15.69
N LEU B 116 0.93 5.67 15.44
CA LEU B 116 1.74 6.24 14.38
C LEU B 116 1.99 5.16 13.34
N TYR B 117 1.74 5.50 12.08
CA TYR B 117 1.89 4.62 10.94
C TYR B 117 3.07 5.11 10.13
N LEU B 118 3.95 4.19 9.75
CA LEU B 118 5.12 4.52 8.94
C LEU B 118 5.20 3.54 7.80
N GLU B 119 5.24 4.07 6.58
CA GLU B 119 5.36 3.30 5.35
C GLU B 119 6.72 3.62 4.77
N LEU B 120 7.60 2.62 4.75
CA LEU B 120 8.97 2.75 4.26
C LEU B 120 9.06 2.08 2.89
N THR B 121 9.53 2.82 1.90
CA THR B 121 9.58 2.33 0.52
C THR B 121 11.00 2.38 -0.02
N CYS B 122 11.40 1.31 -0.69
CA CYS B 122 12.60 1.32 -1.50
C CYS B 122 12.36 0.39 -2.67
N GLY B 123 12.39 0.94 -3.87
CA GLY B 123 12.19 0.12 -5.06
C GLY B 123 10.82 -0.53 -5.03
N ASP B 124 10.79 -1.85 -5.21
CA ASP B 124 9.54 -2.59 -5.23
C ASP B 124 9.17 -3.16 -3.88
N GLN B 125 9.80 -2.69 -2.80
CA GLN B 125 9.53 -3.22 -1.46
C GLN B 125 9.02 -2.12 -0.55
N VAL B 126 7.90 -2.39 0.10
CA VAL B 126 7.30 -1.46 1.04
C VAL B 126 7.14 -2.18 2.38
N CYS B 127 7.55 -1.51 3.44
CA CYS B 127 7.38 -1.98 4.80
C CYS B 127 6.36 -1.09 5.51
N ARG B 128 5.46 -1.73 6.25
CA ARG B 128 4.47 -1.02 7.05
C ARG B 128 4.75 -1.25 8.53
N GLN B 129 4.93 -0.16 9.28
CA GLN B 129 5.17 -0.21 10.71
C GLN B 129 4.04 0.52 11.42
N VAL B 130 3.66 0.02 12.58
CA VAL B 130 2.67 0.68 13.43
C VAL B 130 3.28 0.80 14.82
N PHE B 131 3.15 1.98 15.41
CA PHE B 131 3.66 2.27 16.75
C PHE B 131 2.53 2.79 17.61
N LYS B 132 2.55 2.44 18.88
CA LYS B 132 1.57 2.91 19.85
C LYS B 132 2.23 3.95 20.77
N LYS B 133 1.51 5.03 21.03
CA LYS B 133 2.04 6.09 21.87
C LYS B 133 2.24 5.59 23.30
N LYS B 134 3.41 5.84 23.85
CA LYS B 134 3.69 5.50 25.24
C LYS B 134 3.38 6.67 26.17
N LEU B 135 2.83 6.36 27.33
CA LEU B 135 2.59 7.38 28.34
C LEU B 135 3.89 7.66 29.08
N VAL B 136 4.43 8.86 28.90
CA VAL B 136 5.71 9.24 29.50
C VAL B 136 5.54 10.57 30.22
N PRO B 137 6.43 10.86 31.17
CA PRO B 137 6.27 12.12 31.91
C PRO B 137 6.62 13.35 31.10
N ARG B 138 7.55 13.23 30.15
CA ARG B 138 8.00 14.35 29.33
C ARG B 138 8.70 15.41 30.17
O01 YOG C . -9.22 -6.05 -10.19
O02 YOG C . -7.31 -6.26 -9.15
O03 YOG C . -10.96 -6.98 -11.89
O04 YOG C . -8.78 -8.44 -12.81
C05 YOG C . -8.24 -1.76 -6.98
C06 YOG C . -8.26 -1.24 -5.56
C07 YOG C . -6.85 4.03 -7.24
C08 YOG C . -6.67 3.24 -6.00
C09 YOG C . -7.95 -3.23 -7.06
C10 YOG C . -6.73 3.19 -8.48
C11 YOG C . -6.89 -1.02 -4.91
C12 YOG C . -5.38 3.55 -5.26
C13 YOG C . -7.26 -3.59 -8.32
C14 YOG C . -8.03 2.57 -8.93
C15 YOG C . -6.86 0.26 -4.07
C16 YOG C . -5.49 3.15 -3.81
C17 YOG C . -7.98 2.12 -10.39
C18 YOG C . -8.20 -4.02 -9.36
C19 YOG C . -5.51 0.61 -3.56
C20 YOG C . -4.94 1.82 -3.47
C21 YOG C . -6.84 1.18 -10.69
C22 YOG C . -8.19 -5.52 -9.54
C23 YOG C . -9.05 -7.37 -10.70
C24 YOG C . -10.41 -7.89 -10.98
C25 YOG C . -8.30 -7.34 -12.05
H031 YOG C . -11.30 -7.44 -12.53
H041 YOG C . -8.11 -8.89 -13.07
H052 YOG C . -7.57 -1.27 -7.48
H051 YOG C . -9.08 -1.56 -7.41
H062 YOG C . -8.77 -0.42 -5.54
H061 YOG C . -8.77 -1.85 -5.01
H071 YOG C . -7.71 4.48 -7.23
H072 YOG C . -6.19 4.75 -7.27
H082 YOG C . -6.70 2.29 -6.22
H081 YOG C . -7.44 3.38 -5.41
H092 YOG C . -7.42 -3.50 -6.29
H091 YOG C . -8.79 -3.72 -6.98
H102 YOG C . -6.07 2.49 -8.35
H101 YOG C . -6.36 3.72 -9.22
H111 YOG C . -6.65 -1.77 -4.35
H112 YOG C . -6.20 -0.98 -5.60
H122 YOG C . -5.17 4.49 -5.33
H121 YOG C . -4.64 3.09 -5.69
H132 YOG C . -6.74 -2.84 -8.64
H131 YOG C . -6.61 -4.29 -8.13
H141 YOG C . -8.76 3.18 -8.81
H142 YOG C . -8.24 1.80 -8.37
H152 YOG C . -7.20 1.02 -4.56
H151 YOG C . -7.46 0.16 -3.32
H162 YOG C . -6.42 3.17 -3.54
H161 YOG C . -5.04 3.80 -3.25
H171 YOG C . -8.81 1.70 -10.64
H172 YOG C . -7.90 2.89 -10.98
H182 YOG C . -7.96 -3.63 -10.21
H181 YOG C . -9.09 -3.69 -9.18
H191 YOG C . -5.02 -0.12 -3.28
H201 YOG C . -4.08 1.85 -3.11
H211 YOG C . -6.83 0.39 -10.13
H212 YOG C . -5.96 1.58 -10.59
H213 YOG C . -6.85 0.85 -11.60
H231 YOG C . -8.60 -7.98 -10.09
H242 YOG C . -10.94 -7.94 -10.16
H241 YOG C . -10.41 -8.79 -11.33
H251 YOG C . -8.44 -6.50 -12.51
H252 YOG C . -7.34 -7.41 -11.91
O01 YOG D . 12.19 6.93 9.87
O02 YOG D . 13.98 7.10 8.59
O03 YOG D . 12.02 10.32 11.04
O04 YOG D . 10.22 7.97 11.22
C05 YOG D . 15.05 1.64 8.96
C06 YOG D . 16.39 1.85 8.30
C07 YOG D . 17.73 -2.05 12.30
C08 YOG D . 19.13 -2.50 11.98
C09 YOG D . 14.68 2.79 9.92
C10 YOG D . 17.59 -0.60 12.75
C11 YOG D . 16.73 0.90 7.21
C12 YOG D . 19.72 -1.87 10.72
C13 YOG D . 14.54 4.18 9.24
C14 YOG D . 16.44 -0.40 13.70
C15 YOG D . 17.12 -0.45 7.72
C16 YOG D . 18.99 -2.25 9.47
C17 YOG D . 16.34 1.00 14.36
C18 YOG D . 13.96 5.26 10.17
C19 YOG D . 18.56 -0.71 7.54
C20 YOG D . 19.35 -1.47 8.29
C21 YOG D . 16.98 2.12 13.53
C22 YOG D . 13.40 6.48 9.47
C23 YOG D . 11.86 8.34 9.73
C24 YOG D . 12.67 9.08 10.83
C25 YOG D . 10.41 8.56 10.00
H031 YOG D . 11.91 10.68 10.28
H041 YOG D . 9.90 8.57 11.74
H052 YOG D . 14.38 1.54 8.28
H051 YOG D . 15.07 0.80 9.44
H062 YOG D . 16.43 2.76 7.95
H061 YOG D . 17.09 1.83 8.97
H071 YOG D . 17.35 -2.63 12.99
H072 YOG D . 17.15 -2.20 11.53
H082 YOG D . 19.71 -2.30 12.74
H081 YOG D . 19.16 -3.46 11.90
H092 YOG D . 15.34 2.84 10.63
H091 YOG D . 13.84 2.56 10.36
H102 YOG D . 17.49 -0.02 11.97
H101 YOG D . 18.42 -0.29 13.17
H111 YOG D . 17.46 1.25 6.67
H112 YOG D . 15.98 0.82 6.60
H122 YOG D . 20.65 -2.12 10.63
H121 YOG D . 19.74 -0.91 10.82
H132 YOG D . 14.00 4.12 8.45
H131 YOG D . 15.42 4.46 8.92
H141 YOG D . 16.48 -1.07 14.41
H142 YOG D . 15.60 -0.58 13.25
H152 YOG D . 16.90 -0.56 8.66
H151 YOG D . 16.61 -1.13 7.25
H162 YOG D . 18.04 -2.17 9.62
H161 YOG D . 19.13 -3.19 9.27
H171 YOG D . 15.41 1.23 14.52
H172 YOG D . 16.74 0.99 15.24
H182 YOG D . 13.22 4.87 10.66
H181 YOG D . 14.60 5.50 10.85
H191 YOG D . 18.94 -0.27 6.81
H201 YOG D . 20.25 -1.53 8.04
H211 YOG D . 16.86 3.00 13.92
H212 YOG D . 17.94 2.00 13.41
H213 YOG D . 16.62 2.18 12.64
H231 YOG D . 12.10 8.71 8.86
H242 YOG D . 12.72 8.56 11.64
H241 YOG D . 13.59 9.24 10.57
H251 YOG D . 9.84 8.15 9.32
H252 YOG D . 10.18 9.50 10.02
#